data_5J55
#
_entry.id   5J55
#
_cell.length_a   92.246
_cell.length_b   101.122
_cell.length_c   144.581
_cell.angle_alpha   90.000
_cell.angle_beta   90.000
_cell.angle_gamma   90.000
#
_symmetry.space_group_name_H-M   'I 2 2 2'
#
loop_
_entity.id
_entity.type
_entity.pdbx_description
1 polymer 'Carotenoid oxygenase'
2 non-polymer 'FE (III) ION'
3 non-polymer 'OXYGEN MOLECULE'
4 non-polymer 4-hydroxy-3-methoxybenzaldehyde
5 non-polymer 'TRIETHYLENE GLYCOL'
6 water water
#
_entity_poly.entity_id   1
_entity_poly.type   'polypeptide(L)'
_entity_poly.pdbx_seq_one_letter_code
;MAQFPNTPSFTGFNTPSRIEADIADLAHEGTIPQGLNGAFYRVQPDPQFPPRLDDDIAFNGDGMITRFHIHDGQVDFRQR
WAKTDKWKLENAAGKALFGAYRNPLTDDEAVKGEIRSTANTNAFVFGGKLWAMKEDSPALVMDPATMETFGFEKFGGKMT
GQTFTAHPKVDPKTGNMVAIGYAASGLCTDDVTYMEVSPEGELVREVWFKVPYYCMMHDFGITEDYLVLHIVPSIGSWER
LEQGKPHFGFDTTMPVHLGIIPRRDGVRQEDIRWFTRDNCFASHVLNAWQEGTKIHFVTCEAKNNMFPFFPDVHGAPFNG
MEAMSHPTDWVVDMASNGEDFAGIVKLSDTAAEFPRIDDRFTGQKTRHGWFLEMDMKRPVELRGGSAGGLLMNCLFHKDF
ETGREQHWWCGPVSSLQEPCFVPRAKDAPEGDGWIVQVCNRLEEQRSDLLIFDALDIEKGPVATVNIPIRLRFGLHGNWA
NADEIGLAEKVLAA
;
_entity_poly.pdbx_strand_id   A
#
# COMPACT_ATOMS: atom_id res chain seq x y z
N ALA A 2 -2.94 -29.35 -5.11
CA ALA A 2 -1.78 -29.38 -4.20
C ALA A 2 -2.23 -29.38 -2.74
N GLN A 3 -1.37 -29.89 -1.86
CA GLN A 3 -1.70 -29.97 -0.43
C GLN A 3 -1.05 -28.79 0.30
N PHE A 4 -1.87 -27.90 0.87
CA PHE A 4 -1.31 -26.75 1.57
C PHE A 4 -1.19 -27.03 3.07
N PRO A 5 -0.38 -26.22 3.77
CA PRO A 5 -0.23 -26.40 5.21
C PRO A 5 -1.53 -26.16 5.94
N ASN A 6 -1.69 -26.83 7.07
CA ASN A 6 -2.84 -26.61 7.94
C ASN A 6 -2.44 -25.65 9.06
N THR A 7 -2.30 -24.39 8.68
CA THR A 7 -1.89 -23.33 9.59
C THR A 7 -2.81 -22.13 9.39
N PRO A 8 -2.79 -21.17 10.31
CA PRO A 8 -3.65 -19.97 10.15
C PRO A 8 -3.43 -19.23 8.85
N SER A 9 -2.20 -19.20 8.34
CA SER A 9 -1.88 -18.49 7.12
C SER A 9 -2.46 -19.14 5.87
N PHE A 10 -2.99 -20.35 5.97
CA PHE A 10 -3.54 -21.03 4.79
C PHE A 10 -4.93 -21.62 5.03
N THR A 11 -5.61 -21.21 6.11
CA THR A 11 -6.94 -21.74 6.43
C THR A 11 -7.87 -20.59 6.80
N GLY A 12 -9.15 -20.91 6.97
CA GLY A 12 -10.15 -19.89 7.28
C GLY A 12 -10.19 -18.85 6.17
N PHE A 13 -10.15 -17.57 6.57
CA PHE A 13 -10.13 -16.46 5.61
C PHE A 13 -8.91 -16.49 4.71
N ASN A 14 -7.86 -17.20 5.11
CA ASN A 14 -6.63 -17.30 4.35
C ASN A 14 -6.54 -18.58 3.52
N THR A 15 -7.66 -19.27 3.33
CA THR A 15 -7.67 -20.41 2.42
C THR A 15 -7.21 -19.96 1.03
N PRO A 16 -6.36 -20.74 0.35
CA PRO A 16 -5.96 -20.35 -1.00
C PRO A 16 -7.16 -20.24 -1.92
N SER A 17 -7.09 -19.29 -2.85
CA SER A 17 -8.15 -19.06 -3.82
C SER A 17 -7.63 -19.37 -5.22
N ARG A 18 -6.76 -18.51 -5.77
CA ARG A 18 -6.01 -18.78 -6.99
C ARG A 18 -6.90 -18.73 -8.24
N ILE A 19 -8.00 -18.00 -8.15
CA ILE A 19 -9.01 -17.94 -9.20
C ILE A 19 -8.67 -16.85 -10.20
N GLU A 20 -8.61 -17.20 -11.48
CA GLU A 20 -8.72 -16.21 -12.56
C GLU A 20 -10.13 -16.31 -13.15
N ALA A 21 -10.76 -15.16 -13.39
CA ALA A 21 -12.18 -15.19 -13.68
C ALA A 21 -12.62 -13.90 -14.38
N ASP A 22 -13.78 -14.01 -15.02
CA ASP A 22 -14.55 -12.89 -15.56
C ASP A 22 -16.01 -13.03 -15.16
N ILE A 23 -16.62 -11.93 -14.73
CA ILE A 23 -18.05 -11.90 -14.46
C ILE A 23 -18.55 -10.57 -15.00
N ALA A 24 -19.59 -10.60 -15.82
CA ALA A 24 -20.21 -9.37 -16.28
C ALA A 24 -21.40 -9.03 -15.41
N ASP A 25 -21.53 -7.73 -15.07
CA ASP A 25 -22.76 -7.18 -14.50
C ASP A 25 -23.11 -7.87 -13.18
N LEU A 26 -22.25 -7.65 -12.20
CA LEU A 26 -22.44 -8.27 -10.90
C LEU A 26 -23.79 -7.90 -10.30
N ALA A 27 -24.38 -8.88 -9.62
CA ALA A 27 -25.63 -8.63 -8.90
C ALA A 27 -25.38 -7.55 -7.85
N HIS A 28 -26.39 -6.71 -7.61
CA HIS A 28 -26.17 -5.60 -6.70
C HIS A 28 -27.49 -5.15 -6.08
N GLU A 29 -27.35 -4.38 -5.01
CA GLU A 29 -28.40 -3.60 -4.38
C GLU A 29 -28.08 -2.12 -4.51
N GLY A 30 -29.13 -1.29 -4.47
CA GLY A 30 -28.96 0.15 -4.59
C GLY A 30 -28.68 0.61 -6.01
N THR A 31 -28.03 1.77 -6.12
CA THR A 31 -27.83 2.42 -7.40
C THR A 31 -26.35 2.67 -7.64
N ILE A 32 -25.81 2.02 -8.67
CA ILE A 32 -24.44 2.24 -9.09
C ILE A 32 -24.37 3.56 -9.85
N PRO A 33 -23.61 4.55 -9.37
CA PRO A 33 -23.63 5.88 -10.00
C PRO A 33 -23.28 5.83 -11.49
N GLN A 34 -24.13 6.47 -12.31
CA GLN A 34 -23.89 6.53 -13.76
C GLN A 34 -22.62 7.27 -14.10
N GLY A 35 -22.19 8.20 -13.24
CA GLY A 35 -21.00 9.00 -13.49
C GLY A 35 -19.70 8.24 -13.38
N LEU A 36 -19.72 7.02 -12.87
CA LEU A 36 -18.51 6.22 -12.81
C LEU A 36 -18.26 5.53 -14.15
N ASN A 37 -17.05 5.71 -14.66
CA ASN A 37 -16.66 5.14 -15.94
C ASN A 37 -15.15 4.94 -15.90
N GLY A 38 -14.74 3.76 -15.46
CA GLY A 38 -13.34 3.47 -15.22
C GLY A 38 -13.22 2.16 -14.47
N ALA A 39 -12.10 1.98 -13.77
CA ALA A 39 -11.90 0.72 -13.08
C ALA A 39 -11.11 0.92 -11.80
N PHE A 40 -11.49 0.12 -10.81
CA PHE A 40 -10.80 0.00 -9.53
C PHE A 40 -9.99 -1.28 -9.54
N TYR A 41 -8.68 -1.15 -9.40
CA TYR A 41 -7.75 -2.27 -9.35
C TYR A 41 -7.28 -2.47 -7.91
N ARG A 42 -7.17 -3.73 -7.49
CA ARG A 42 -6.58 -4.05 -6.21
C ARG A 42 -5.86 -5.38 -6.32
N VAL A 43 -5.04 -5.68 -5.33
CA VAL A 43 -4.21 -6.88 -5.35
C VAL A 43 -4.38 -7.65 -4.05
N GLN A 44 -4.44 -8.98 -4.18
CA GLN A 44 -4.42 -9.87 -3.03
C GLN A 44 -3.25 -10.84 -3.14
N PRO A 45 -2.46 -10.99 -2.08
CA PRO A 45 -1.54 -12.11 -2.02
C PRO A 45 -2.33 -13.42 -2.03
N ASP A 46 -1.89 -14.37 -2.84
CA ASP A 46 -2.65 -15.56 -3.15
C ASP A 46 -1.68 -16.60 -3.68
N PRO A 47 -1.20 -17.51 -2.84
CA PRO A 47 -0.08 -18.37 -3.25
C PRO A 47 -0.43 -19.31 -4.39
N GLN A 48 0.42 -19.31 -5.42
CA GLN A 48 0.24 -20.29 -6.49
C GLN A 48 0.50 -21.71 -6.00
N PHE A 49 1.50 -21.88 -5.13
CA PHE A 49 1.89 -23.18 -4.61
C PHE A 49 2.03 -23.17 -3.09
N PRO A 50 1.97 -24.34 -2.47
CA PRO A 50 2.33 -24.44 -1.07
C PRO A 50 3.74 -23.93 -0.86
N PRO A 51 4.05 -23.39 0.33
CA PRO A 51 5.38 -22.83 0.56
C PRO A 51 6.44 -23.92 0.70
N ARG A 52 7.70 -23.51 0.43
CA ARG A 52 8.82 -24.43 0.62
C ARG A 52 8.95 -24.83 2.08
N LEU A 53 8.74 -23.88 2.98
CA LEU A 53 8.90 -24.14 4.39
C LEU A 53 7.56 -24.55 4.99
N ASP A 54 7.55 -24.83 6.29
CA ASP A 54 6.33 -25.40 6.87
C ASP A 54 5.17 -24.40 6.89
N ASP A 55 5.45 -23.11 6.78
CA ASP A 55 4.42 -22.09 6.93
C ASP A 55 4.92 -20.85 6.19
N ASP A 56 4.09 -19.82 6.17
CA ASP A 56 4.48 -18.58 5.50
C ASP A 56 3.57 -17.50 6.04
N ILE A 57 3.84 -16.27 5.66
CA ILE A 57 3.07 -15.12 6.13
C ILE A 57 2.26 -14.57 4.97
N ALA A 58 1.24 -13.78 5.32
CA ALA A 58 0.33 -13.22 4.33
C ALA A 58 1.08 -12.35 3.33
N PHE A 59 2.00 -11.52 3.81
CA PHE A 59 2.70 -10.62 2.91
C PHE A 59 3.52 -11.36 1.86
N ASN A 60 3.62 -12.70 1.90
CA ASN A 60 4.49 -13.41 0.97
C ASN A 60 3.74 -14.12 -0.17
N GLY A 61 2.42 -13.97 -0.25
CA GLY A 61 1.68 -14.66 -1.30
C GLY A 61 1.83 -13.97 -2.65
N ASP A 62 1.82 -14.79 -3.70
CA ASP A 62 1.86 -14.30 -5.09
C ASP A 62 0.71 -13.32 -5.37
N GLY A 63 1.03 -12.24 -6.09
CA GLY A 63 0.04 -11.22 -6.37
C GLY A 63 -1.01 -11.69 -7.38
N MET A 64 -2.29 -11.53 -7.01
CA MET A 64 -3.44 -11.77 -7.88
C MET A 64 -4.17 -10.44 -8.00
N ILE A 65 -4.39 -9.98 -9.23
CA ILE A 65 -4.93 -8.64 -9.52
C ILE A 65 -6.41 -8.75 -9.81
N THR A 66 -7.20 -7.96 -9.12
CA THR A 66 -8.64 -7.83 -9.34
C THR A 66 -8.94 -6.47 -9.95
N ARG A 67 -9.84 -6.45 -10.92
CA ARG A 67 -10.32 -5.21 -11.51
C ARG A 67 -11.85 -5.20 -11.49
N PHE A 68 -12.41 -4.10 -10.99
CA PHE A 68 -13.83 -3.81 -11.06
C PHE A 68 -14.02 -2.71 -12.10
N HIS A 69 -14.58 -3.07 -13.25
CA HIS A 69 -14.81 -2.12 -14.33
C HIS A 69 -16.22 -1.60 -14.15
N ILE A 70 -16.34 -0.32 -13.77
CA ILE A 70 -17.63 0.29 -13.46
C ILE A 70 -17.97 1.22 -14.61
N HIS A 71 -19.12 0.99 -15.25
CA HIS A 71 -19.51 1.74 -16.43
C HIS A 71 -20.99 1.53 -16.64
N ASP A 72 -21.67 2.58 -17.12
CA ASP A 72 -23.09 2.45 -17.51
C ASP A 72 -23.94 1.86 -16.39
N GLY A 73 -23.61 2.13 -15.14
CA GLY A 73 -24.42 1.62 -14.05
C GLY A 73 -24.27 0.14 -13.75
N GLN A 74 -23.18 -0.48 -14.21
CA GLN A 74 -22.89 -1.88 -13.90
C GLN A 74 -21.44 -2.04 -13.48
N VAL A 75 -21.15 -3.16 -12.82
CA VAL A 75 -19.79 -3.49 -12.42
C VAL A 75 -19.45 -4.85 -13.04
N ASP A 76 -18.34 -4.89 -13.77
CA ASP A 76 -17.77 -6.13 -14.29
C ASP A 76 -16.52 -6.48 -13.49
N PHE A 77 -16.21 -7.77 -13.45
CA PHE A 77 -15.15 -8.31 -12.60
C PHE A 77 -14.17 -9.06 -13.50
N ARG A 78 -12.89 -8.76 -13.32
CA ARG A 78 -11.85 -9.55 -13.97
C ARG A 78 -10.71 -9.76 -13.00
N GLN A 79 -10.20 -10.99 -12.95
CA GLN A 79 -9.10 -11.30 -12.05
C GLN A 79 -8.07 -12.14 -12.78
N ARG A 80 -6.80 -11.75 -12.66
CA ARG A 80 -5.69 -12.37 -13.37
C ARG A 80 -4.44 -12.38 -12.49
N TRP A 81 -3.61 -13.41 -12.66
CA TRP A 81 -2.31 -13.43 -11.99
C TRP A 81 -1.41 -12.29 -12.46
N ALA A 82 -0.62 -11.72 -11.54
CA ALA A 82 0.55 -10.94 -11.92
C ALA A 82 1.70 -11.91 -12.21
N LYS A 83 2.07 -12.06 -13.47
CA LYS A 83 2.97 -13.15 -13.85
C LYS A 83 4.43 -12.68 -13.78
N THR A 84 4.86 -12.54 -12.54
CA THR A 84 6.25 -12.28 -12.18
C THR A 84 7.16 -13.39 -12.69
N ASP A 85 8.46 -13.09 -12.73
CA ASP A 85 9.45 -14.13 -13.01
C ASP A 85 9.28 -15.31 -12.05
N LYS A 86 9.04 -15.01 -10.77
CA LYS A 86 8.78 -16.06 -9.79
C LYS A 86 7.59 -16.92 -10.19
N TRP A 87 6.45 -16.29 -10.49
CA TRP A 87 5.27 -17.02 -10.92
C TRP A 87 5.59 -17.94 -12.09
N LYS A 88 6.30 -17.40 -13.09
CA LYS A 88 6.63 -18.16 -14.30
C LYS A 88 7.54 -19.33 -13.98
N LEU A 89 8.60 -19.09 -13.20
CA LEU A 89 9.54 -20.16 -12.86
C LEU A 89 8.86 -21.26 -12.07
N GLU A 90 8.05 -20.88 -11.07
CA GLU A 90 7.39 -21.89 -10.26
C GLU A 90 6.31 -22.61 -11.07
N ASN A 91 5.56 -21.88 -11.90
CA ASN A 91 4.59 -22.54 -12.75
C ASN A 91 5.24 -23.61 -13.63
N ALA A 92 6.40 -23.30 -14.23
CA ALA A 92 7.09 -24.26 -15.06
C ALA A 92 7.59 -25.46 -14.26
N ALA A 93 8.05 -25.22 -13.04
CA ALA A 93 8.63 -26.29 -12.23
C ALA A 93 7.57 -27.11 -11.52
N GLY A 94 6.35 -26.58 -11.40
CA GLY A 94 5.27 -27.26 -10.73
C GLY A 94 5.37 -27.26 -9.23
N LYS A 95 6.12 -26.33 -8.64
CA LYS A 95 6.38 -26.33 -7.20
C LYS A 95 7.01 -25.00 -6.81
N ALA A 96 6.97 -24.71 -5.51
CA ALA A 96 7.66 -23.55 -4.98
C ALA A 96 9.16 -23.69 -5.14
N LEU A 97 9.78 -22.60 -5.53
CA LEU A 97 11.24 -22.47 -5.65
C LEU A 97 11.79 -21.38 -4.76
N PHE A 98 11.03 -20.33 -4.52
CA PHE A 98 11.44 -19.26 -3.63
C PHE A 98 10.89 -19.53 -2.25
N GLY A 99 11.67 -19.19 -1.23
CA GLY A 99 11.32 -19.52 0.14
C GLY A 99 10.65 -18.41 0.93
N ALA A 100 11.20 -18.15 2.12
CA ALA A 100 10.57 -17.27 3.08
C ALA A 100 10.66 -15.81 2.65
N TYR A 101 9.82 -15.00 3.28
CA TYR A 101 9.68 -13.58 2.97
C TYR A 101 11.03 -12.87 3.04
N ARG A 102 11.43 -12.29 1.91
CA ARG A 102 12.65 -11.49 1.83
C ARG A 102 13.85 -12.25 2.37
N ASN A 103 13.91 -13.57 2.12
CA ASN A 103 14.99 -14.41 2.64
C ASN A 103 15.56 -15.32 1.56
N PRO A 104 16.53 -14.83 0.78
CA PRO A 104 17.11 -15.64 -0.29
C PRO A 104 17.84 -16.87 0.20
N LEU A 105 18.18 -16.93 1.49
CA LEU A 105 18.90 -18.09 2.00
C LEU A 105 18.01 -19.32 2.09
N THR A 106 16.71 -19.16 1.83
CA THR A 106 15.74 -20.24 1.88
C THR A 106 15.20 -20.57 0.50
N ASP A 107 15.82 -20.05 -0.56
CA ASP A 107 15.43 -20.31 -1.94
C ASP A 107 16.15 -21.51 -2.50
N ASP A 108 15.50 -22.16 -3.47
CA ASP A 108 16.15 -23.20 -4.26
C ASP A 108 17.36 -22.63 -4.99
N GLU A 109 18.48 -23.37 -4.95
CA GLU A 109 19.69 -22.93 -5.66
C GLU A 109 19.40 -22.62 -7.13
N ALA A 110 18.40 -23.29 -7.71
CA ALA A 110 18.07 -23.10 -9.11
C ALA A 110 17.61 -21.68 -9.43
N VAL A 111 17.15 -20.90 -8.44
CA VAL A 111 16.70 -19.54 -8.72
C VAL A 111 17.61 -18.51 -8.06
N LYS A 112 18.85 -18.87 -7.76
CA LYS A 112 19.80 -17.88 -7.27
C LYS A 112 19.87 -16.72 -8.24
N GLY A 113 19.78 -15.49 -7.72
CA GLY A 113 19.93 -14.31 -8.53
C GLY A 113 18.69 -13.84 -9.26
N GLU A 114 17.60 -14.61 -9.21
CA GLU A 114 16.35 -14.23 -9.86
C GLU A 114 15.61 -13.21 -9.02
N ILE A 115 14.79 -12.40 -9.69
CA ILE A 115 13.95 -11.42 -9.02
C ILE A 115 12.89 -12.13 -8.21
N ARG A 116 12.78 -11.78 -6.91
CA ARG A 116 11.96 -12.54 -5.98
C ARG A 116 10.54 -12.00 -5.86
N SER A 117 10.24 -10.92 -6.58
CA SER A 117 8.98 -10.21 -6.44
C SER A 117 7.76 -11.13 -6.58
N THR A 118 6.80 -10.91 -5.68
CA THR A 118 5.45 -11.42 -5.80
C THR A 118 4.47 -10.40 -6.35
N ALA A 119 4.90 -9.15 -6.56
CA ALA A 119 4.06 -8.11 -7.14
C ALA A 119 2.71 -8.03 -6.45
N ASN A 120 2.73 -8.09 -5.11
CA ASN A 120 1.52 -8.34 -4.37
C ASN A 120 1.07 -7.19 -3.47
N THR A 121 1.66 -6.00 -3.59
CA THR A 121 1.41 -4.94 -2.63
C THR A 121 0.57 -3.79 -3.19
N ASN A 122 0.69 -3.49 -4.47
CA ASN A 122 -0.12 -2.42 -5.07
C ASN A 122 -0.45 -2.78 -6.50
N ALA A 123 -1.63 -2.34 -6.93
CA ALA A 123 -2.11 -2.42 -8.30
C ALA A 123 -2.40 -0.97 -8.69
N PHE A 124 -1.43 -0.37 -9.38
CA PHE A 124 -1.40 1.06 -9.64
C PHE A 124 -1.44 1.33 -11.14
N VAL A 125 -2.18 2.36 -11.55
CA VAL A 125 -2.24 2.71 -12.96
C VAL A 125 -1.45 3.98 -13.20
N PHE A 126 -0.59 3.95 -14.22
CA PHE A 126 0.23 5.11 -14.58
C PHE A 126 0.77 4.94 -15.99
N GLY A 127 0.70 6.02 -16.76
CA GLY A 127 1.32 6.03 -18.09
C GLY A 127 0.81 4.96 -19.02
N GLY A 128 -0.47 4.60 -18.91
CA GLY A 128 -1.05 3.63 -19.80
C GLY A 128 -0.78 2.19 -19.44
N LYS A 129 -0.08 1.94 -18.32
CA LYS A 129 0.22 0.61 -17.84
C LYS A 129 -0.38 0.38 -16.45
N LEU A 130 -0.57 -0.89 -16.15
CA LEU A 130 -0.91 -1.37 -14.82
C LEU A 130 0.36 -1.88 -14.16
N TRP A 131 0.63 -1.39 -12.96
CA TRP A 131 1.85 -1.67 -12.23
C TRP A 131 1.50 -2.55 -11.05
N ALA A 132 2.02 -3.78 -11.03
CA ALA A 132 1.85 -4.68 -9.91
C ALA A 132 3.17 -4.65 -9.15
N MET A 133 3.12 -4.14 -7.93
CA MET A 133 4.29 -3.56 -7.29
C MET A 133 4.68 -4.34 -6.04
N LYS A 134 5.98 -4.45 -5.82
CA LYS A 134 6.56 -5.08 -4.64
C LYS A 134 7.94 -4.48 -4.39
N GLU A 135 8.14 -3.98 -3.18
CA GLU A 135 9.23 -3.05 -2.90
C GLU A 135 10.62 -3.67 -2.87
N ASP A 136 10.75 -4.98 -3.08
CA ASP A 136 12.05 -5.64 -3.12
C ASP A 136 12.60 -5.81 -4.54
N SER A 137 11.93 -5.25 -5.54
CA SER A 137 12.18 -5.56 -6.94
C SER A 137 11.70 -4.41 -7.79
N PRO A 138 12.08 -4.38 -9.08
CA PRO A 138 11.36 -3.53 -10.02
C PRO A 138 9.88 -3.89 -10.03
N ALA A 139 9.06 -2.92 -10.40
CA ALA A 139 7.64 -3.17 -10.55
C ALA A 139 7.38 -4.03 -11.78
N LEU A 140 6.33 -4.85 -11.70
CA LEU A 140 5.85 -5.63 -12.84
C LEU A 140 4.84 -4.79 -13.60
N VAL A 141 4.99 -4.69 -14.92
CA VAL A 141 4.01 -3.93 -15.69
C VAL A 141 3.16 -4.87 -16.51
N MET A 142 1.90 -4.45 -16.66
CA MET A 142 0.81 -5.24 -17.21
C MET A 142 -0.05 -4.34 -18.07
N ASP A 143 -0.87 -4.97 -18.93
CA ASP A 143 -1.83 -4.26 -19.77
C ASP A 143 -3.09 -4.00 -18.93
N PRO A 144 -3.49 -2.74 -18.75
CA PRO A 144 -4.64 -2.48 -17.86
C PRO A 144 -5.96 -2.99 -18.42
N ALA A 145 -6.05 -3.20 -19.72
CA ALA A 145 -7.27 -3.67 -20.38
C ALA A 145 -7.34 -5.19 -20.46
N THR A 146 -6.33 -5.84 -21.04
CA THR A 146 -6.35 -7.29 -21.11
C THR A 146 -5.93 -7.94 -19.79
N MET A 147 -5.12 -7.22 -19.01
CA MET A 147 -4.50 -7.68 -17.77
C MET A 147 -3.53 -8.82 -18.02
N GLU A 148 -3.02 -8.90 -19.25
CA GLU A 148 -1.85 -9.70 -19.52
C GLU A 148 -0.63 -9.03 -18.90
N THR A 149 0.41 -9.84 -18.70
CA THR A 149 1.65 -9.37 -18.08
C THR A 149 2.68 -9.10 -19.16
N PHE A 150 3.35 -7.95 -19.06
CA PHE A 150 4.48 -7.64 -19.93
C PHE A 150 5.78 -8.19 -19.35
N GLY A 151 6.16 -7.70 -18.17
CA GLY A 151 7.40 -8.09 -17.54
C GLY A 151 7.82 -6.99 -16.60
N PHE A 152 9.00 -7.13 -16.02
CA PHE A 152 9.47 -6.14 -15.07
C PHE A 152 9.92 -4.87 -15.78
N GLU A 153 9.62 -3.74 -15.16
CA GLU A 153 9.98 -2.42 -15.69
C GLU A 153 11.35 -2.03 -15.16
N LYS A 154 12.37 -2.23 -15.99
CA LYS A 154 13.73 -1.80 -15.73
C LYS A 154 14.10 -0.56 -16.54
N PHE A 155 13.13 0.06 -17.17
CA PHE A 155 13.36 1.25 -17.99
C PHE A 155 14.48 0.99 -18.99
N GLY A 156 14.38 -0.16 -19.65
CA GLY A 156 15.33 -0.51 -20.68
C GLY A 156 16.73 -0.78 -20.17
N GLY A 157 16.91 -0.94 -18.86
CA GLY A 157 18.22 -1.04 -18.26
C GLY A 157 18.76 0.28 -17.73
N LYS A 158 18.01 1.37 -17.87
CA LYS A 158 18.50 2.65 -17.37
C LYS A 158 18.44 2.70 -15.85
N MET A 159 17.58 1.91 -15.24
CA MET A 159 17.49 1.87 -13.78
C MET A 159 18.69 1.12 -13.24
N THR A 160 19.42 1.76 -12.33
CA THR A 160 20.62 1.15 -11.77
C THR A 160 20.36 0.51 -10.41
N GLY A 161 19.32 0.92 -9.72
CA GLY A 161 18.95 0.29 -8.47
C GLY A 161 18.25 -1.04 -8.69
N GLN A 162 18.26 -1.86 -7.63
CA GLN A 162 17.63 -3.17 -7.67
C GLN A 162 16.14 -3.14 -7.38
N THR A 163 15.60 -2.04 -6.86
CA THR A 163 14.25 -2.05 -6.30
C THR A 163 13.43 -0.84 -6.72
N PHE A 164 12.13 -0.96 -6.49
CA PHE A 164 11.14 0.06 -6.83
C PHE A 164 9.99 -0.05 -5.83
N THR A 165 9.53 1.09 -5.33
CA THR A 165 8.54 1.14 -4.28
C THR A 165 7.20 0.53 -4.71
N ALA A 166 6.37 0.21 -3.72
CA ALA A 166 4.97 -0.13 -3.95
C ALA A 166 4.05 0.98 -3.50
N HIS A 167 4.59 2.17 -3.18
CA HIS A 167 3.77 3.31 -2.77
C HIS A 167 4.10 4.54 -3.60
N PRO A 168 4.00 4.43 -4.93
CA PRO A 168 4.26 5.59 -5.79
C PRO A 168 3.29 6.73 -5.55
N LYS A 169 3.79 7.96 -5.74
CA LYS A 169 3.01 9.17 -5.62
C LYS A 169 3.07 9.85 -6.97
N VAL A 170 1.98 10.51 -7.36
CA VAL A 170 1.96 11.26 -8.60
C VAL A 170 1.98 12.75 -8.27
N ASP A 171 2.95 13.45 -8.83
CA ASP A 171 3.06 14.90 -8.68
C ASP A 171 2.01 15.55 -9.56
N PRO A 172 0.99 16.19 -8.98
CA PRO A 172 -0.06 16.80 -9.81
C PRO A 172 0.43 17.92 -10.73
N LYS A 173 1.55 18.59 -10.41
CA LYS A 173 2.03 19.70 -11.22
C LYS A 173 2.67 19.21 -12.52
N THR A 174 3.47 18.17 -12.45
CA THR A 174 4.16 17.64 -13.62
C THR A 174 3.54 16.38 -14.20
N GLY A 175 2.76 15.66 -13.41
CA GLY A 175 2.30 14.34 -13.82
C GLY A 175 3.30 13.23 -13.63
N ASN A 176 4.48 13.52 -13.12
CA ASN A 176 5.46 12.46 -12.88
C ASN A 176 5.02 11.52 -11.76
N MET A 177 5.36 10.24 -11.92
CA MET A 177 5.37 9.32 -10.79
C MET A 177 6.65 9.53 -10.00
N VAL A 178 6.51 9.62 -8.68
CA VAL A 178 7.64 9.78 -7.77
C VAL A 178 7.78 8.48 -6.99
N ALA A 179 9.00 7.96 -6.90
CA ALA A 179 9.22 6.66 -6.32
C ALA A 179 10.51 6.69 -5.52
N ILE A 180 10.65 5.71 -4.62
CA ILE A 180 11.93 5.39 -4.03
C ILE A 180 12.22 3.95 -4.36
N GLY A 181 13.46 3.55 -4.08
CA GLY A 181 13.83 2.15 -4.08
C GLY A 181 14.83 1.88 -2.99
N TYR A 182 14.44 1.24 -1.89
CA TYR A 182 15.41 1.03 -0.82
C TYR A 182 16.06 -0.35 -0.96
N ALA A 183 17.11 -0.58 -0.17
CA ALA A 183 18.02 -1.70 -0.39
C ALA A 183 18.52 -1.70 -1.83
N ALA A 184 18.88 -0.51 -2.32
CA ALA A 184 19.07 -0.32 -3.75
C ALA A 184 20.26 -1.09 -4.31
N SER A 185 21.26 -1.41 -3.49
CA SER A 185 22.46 -2.10 -3.98
C SER A 185 22.52 -3.54 -3.50
N GLY A 186 21.43 -4.06 -2.93
CA GLY A 186 21.42 -5.39 -2.39
C GLY A 186 20.62 -5.44 -1.11
N LEU A 187 20.31 -6.65 -0.68
CA LEU A 187 19.49 -6.82 0.53
C LEU A 187 20.15 -6.17 1.75
N CYS A 188 19.32 -5.51 2.54
CA CYS A 188 19.70 -4.90 3.82
C CYS A 188 20.72 -3.78 3.68
N THR A 189 20.95 -3.25 2.48
CA THR A 189 21.89 -2.14 2.34
C THR A 189 21.21 -0.83 2.72
N ASP A 190 22.03 0.19 3.01
CA ASP A 190 21.49 1.49 3.41
C ASP A 190 21.38 2.46 2.25
N ASP A 191 21.54 1.98 1.02
CA ASP A 191 21.34 2.78 -0.17
C ASP A 191 19.87 2.84 -0.55
N VAL A 192 19.47 4.02 -1.02
CA VAL A 192 18.11 4.28 -1.49
C VAL A 192 18.21 5.12 -2.74
N THR A 193 17.34 4.85 -3.71
CA THR A 193 17.18 5.73 -4.85
C THR A 193 15.91 6.56 -4.74
N TYR A 194 16.00 7.79 -5.22
CA TYR A 194 14.86 8.66 -5.44
C TYR A 194 14.68 8.78 -6.95
N MET A 195 13.50 8.43 -7.44
CA MET A 195 13.22 8.33 -8.86
C MET A 195 11.98 9.14 -9.24
N GLU A 196 11.97 9.67 -10.47
CA GLU A 196 10.75 10.17 -11.08
C GLU A 196 10.60 9.58 -12.46
N VAL A 197 9.35 9.26 -12.80
CA VAL A 197 8.97 8.72 -14.10
C VAL A 197 8.02 9.69 -14.76
N SER A 198 8.30 10.03 -16.02
CA SER A 198 7.44 10.95 -16.75
C SER A 198 6.14 10.24 -17.15
N PRO A 199 5.10 11.01 -17.47
CA PRO A 199 3.86 10.37 -17.95
C PRO A 199 4.08 9.50 -19.17
N GLU A 200 5.11 9.78 -19.98
CA GLU A 200 5.45 8.95 -21.12
C GLU A 200 6.20 7.67 -20.75
N GLY A 201 6.48 7.43 -19.47
CA GLY A 201 7.10 6.20 -19.04
C GLY A 201 8.61 6.22 -18.95
N GLU A 202 9.23 7.38 -19.09
CA GLU A 202 10.68 7.46 -19.11
C GLU A 202 11.17 7.68 -17.68
N LEU A 203 12.27 6.99 -17.32
CA LEU A 203 12.91 7.25 -16.04
C LEU A 203 13.69 8.54 -16.16
N VAL A 204 13.22 9.63 -15.53
CA VAL A 204 13.83 10.92 -15.83
C VAL A 204 14.82 11.36 -14.75
N ARG A 205 14.89 10.65 -13.63
CA ARG A 205 15.75 10.98 -12.52
C ARG A 205 15.95 9.71 -11.69
N GLU A 206 17.19 9.44 -11.28
CA GLU A 206 17.46 8.37 -10.30
C GLU A 206 18.64 8.83 -9.46
N VAL A 207 18.37 9.28 -8.25
CA VAL A 207 19.37 9.87 -7.36
C VAL A 207 19.64 8.88 -6.23
N TRP A 208 20.91 8.49 -6.06
CA TRP A 208 21.29 7.62 -4.96
C TRP A 208 21.63 8.41 -3.71
N PHE A 209 21.15 7.95 -2.56
CA PHE A 209 21.54 8.52 -1.26
C PHE A 209 21.55 7.39 -0.22
N LYS A 210 21.97 7.72 1.00
CA LYS A 210 22.00 6.76 2.10
C LYS A 210 21.11 7.25 3.24
N VAL A 211 20.59 6.29 4.01
CA VAL A 211 19.69 6.59 5.13
C VAL A 211 20.38 6.20 6.43
N PRO A 212 19.91 6.67 7.57
CA PRO A 212 20.64 6.40 8.83
C PRO A 212 20.80 4.92 9.14
N TYR A 213 19.81 4.11 8.83
CA TYR A 213 19.93 2.67 9.03
C TYR A 213 18.96 1.98 8.11
N TYR A 214 19.31 0.74 7.74
CA TYR A 214 18.41 -0.05 6.90
C TYR A 214 17.18 -0.44 7.71
N CYS A 215 16.01 -0.29 7.10
CA CYS A 215 14.74 -0.62 7.71
C CYS A 215 13.70 -0.74 6.60
N MET A 216 12.50 -1.14 6.97
CA MET A 216 11.42 -1.20 5.99
C MET A 216 10.98 0.21 5.62
N MET A 217 11.41 0.66 4.45
CA MET A 217 10.97 1.95 3.91
C MET A 217 9.83 1.72 2.93
N HIS A 218 8.69 1.41 3.53
CA HIS A 218 7.51 0.95 2.82
C HIS A 218 6.79 2.12 2.13
N ASP A 219 6.72 3.25 2.78
CA ASP A 219 5.93 4.40 2.29
C ASP A 219 6.78 5.66 2.42
N PHE A 220 6.23 6.78 1.95
CA PHE A 220 6.89 8.09 1.98
C PHE A 220 5.87 9.12 1.54
N GLY A 221 6.23 10.39 1.69
CA GLY A 221 5.39 11.48 1.23
C GLY A 221 6.08 12.32 0.18
N ILE A 222 5.32 13.10 -0.58
CA ILE A 222 5.88 14.18 -1.37
C ILE A 222 5.19 15.49 -1.03
N THR A 223 5.93 16.58 -1.21
CA THR A 223 5.41 17.93 -1.17
C THR A 223 5.78 18.58 -2.49
N GLU A 224 5.50 19.87 -2.62
CA GLU A 224 5.81 20.54 -3.88
C GLU A 224 7.28 20.44 -4.23
N ASP A 225 8.17 20.60 -3.25
CA ASP A 225 9.60 20.64 -3.51
C ASP A 225 10.40 19.47 -2.95
N TYR A 226 9.76 18.59 -2.18
CA TYR A 226 10.48 17.59 -1.41
C TYR A 226 9.88 16.20 -1.54
N LEU A 227 10.74 15.22 -1.29
CA LEU A 227 10.37 13.87 -0.91
C LEU A 227 10.63 13.71 0.58
N VAL A 228 9.63 13.23 1.32
CA VAL A 228 9.67 13.17 2.78
C VAL A 228 9.65 11.71 3.18
N LEU A 229 10.77 11.22 3.76
CA LEU A 229 10.99 9.80 4.00
C LEU A 229 11.16 9.51 5.49
N HIS A 230 10.23 8.77 6.06
CA HIS A 230 10.32 8.39 7.46
C HIS A 230 11.15 7.13 7.61
N ILE A 231 11.97 7.12 8.67
CA ILE A 231 12.88 6.05 9.01
C ILE A 231 12.40 5.48 10.35
N VAL A 232 11.81 4.30 10.33
CA VAL A 232 11.12 3.70 11.47
C VAL A 232 11.76 2.34 11.71
N PRO A 233 12.09 1.96 12.95
CA PRO A 233 12.99 0.82 13.16
C PRO A 233 12.30 -0.55 13.16
N SER A 234 11.60 -0.85 12.06
CA SER A 234 11.35 -2.23 11.68
C SER A 234 12.58 -2.58 10.85
N ILE A 235 13.54 -3.21 11.49
CA ILE A 235 14.86 -3.38 10.90
C ILE A 235 15.03 -4.80 10.40
N GLY A 236 16.02 -4.98 9.52
CA GLY A 236 16.39 -6.30 9.07
C GLY A 236 17.89 -6.37 8.90
N SER A 237 18.38 -7.59 8.70
CA SER A 237 19.80 -7.83 8.54
C SER A 237 20.03 -9.22 8.00
N TRP A 238 21.20 -9.42 7.38
CA TRP A 238 21.59 -10.75 6.97
C TRP A 238 21.70 -11.68 8.18
N GLU A 239 22.10 -11.16 9.35
CA GLU A 239 22.24 -12.02 10.52
C GLU A 239 20.88 -12.61 10.93
N ARG A 240 19.83 -11.80 10.92
CA ARG A 240 18.49 -12.31 11.19
C ARG A 240 18.17 -13.46 10.26
N LEU A 241 18.44 -13.28 8.96
CA LEU A 241 18.10 -14.33 8.01
C LEU A 241 18.90 -15.59 8.31
N GLU A 242 20.18 -15.43 8.67
CA GLU A 242 20.98 -16.58 9.03
C GLU A 242 20.44 -17.24 10.31
N GLN A 243 20.00 -16.45 11.28
CA GLN A 243 19.49 -17.01 12.52
C GLN A 243 18.08 -17.59 12.37
N GLY A 244 17.57 -17.67 11.13
CA GLY A 244 16.23 -18.18 10.88
C GLY A 244 15.09 -17.29 11.33
N LYS A 245 15.32 -15.99 11.45
CA LYS A 245 14.27 -15.09 11.94
C LYS A 245 13.49 -14.47 10.79
N PRO A 246 12.30 -13.96 11.05
CA PRO A 246 11.63 -13.12 10.06
C PRO A 246 12.55 -11.97 9.66
N HIS A 247 12.50 -11.61 8.38
CA HIS A 247 13.43 -10.61 7.86
C HIS A 247 13.44 -9.36 8.73
N PHE A 248 12.26 -8.84 9.05
CA PHE A 248 12.15 -7.65 9.87
C PHE A 248 11.76 -7.98 11.31
N GLY A 249 12.26 -7.15 12.22
CA GLY A 249 11.79 -7.12 13.59
C GLY A 249 11.82 -5.68 14.07
N PHE A 250 11.00 -5.37 15.07
CA PHE A 250 10.91 -3.98 15.54
C PHE A 250 11.78 -3.76 16.78
N ASP A 251 12.55 -2.67 16.76
CA ASP A 251 13.44 -2.29 17.85
C ASP A 251 12.89 -1.04 18.50
N THR A 252 12.31 -1.19 19.71
CA THR A 252 11.74 -0.08 20.47
C THR A 252 12.79 0.90 21.00
N THR A 253 14.06 0.55 20.94
CA THR A 253 15.11 1.38 21.53
C THR A 253 15.74 2.36 20.54
N MET A 254 15.39 2.27 19.24
CA MET A 254 16.03 3.09 18.23
C MET A 254 15.21 4.33 17.92
N PRO A 255 15.87 5.43 17.57
CA PRO A 255 15.14 6.64 17.21
C PRO A 255 14.48 6.52 15.86
N VAL A 256 13.52 7.43 15.62
CA VAL A 256 12.84 7.57 14.35
C VAL A 256 13.35 8.84 13.68
N HIS A 257 13.56 8.78 12.35
CA HIS A 257 14.04 9.94 11.62
C HIS A 257 13.05 10.32 10.52
N LEU A 258 13.17 11.58 10.06
CA LEU A 258 12.40 12.06 8.91
C LEU A 258 13.35 12.80 7.99
N GLY A 259 13.55 12.29 6.78
CA GLY A 259 14.48 12.88 5.84
C GLY A 259 13.76 13.70 4.78
N ILE A 260 14.30 14.88 4.50
CA ILE A 260 13.73 15.85 3.56
C ILE A 260 14.67 15.94 2.38
N ILE A 261 14.25 15.35 1.25
CA ILE A 261 15.07 15.24 0.06
C ILE A 261 14.54 16.22 -0.99
N PRO A 262 15.35 17.16 -1.47
CA PRO A 262 14.89 18.06 -2.54
C PRO A 262 14.62 17.28 -3.80
N ARG A 263 13.49 17.55 -4.45
CA ARG A 263 13.13 16.87 -5.68
C ARG A 263 13.67 17.68 -6.85
N ARG A 264 14.96 17.50 -7.11
CA ARG A 264 15.63 18.21 -8.20
C ARG A 264 16.79 17.35 -8.69
N ASP A 265 17.25 17.66 -9.89
CA ASP A 265 18.41 16.97 -10.43
C ASP A 265 19.65 17.35 -9.64
N GLY A 266 20.55 16.39 -9.50
CA GLY A 266 21.85 16.65 -8.92
C GLY A 266 21.87 16.72 -7.42
N VAL A 267 20.81 16.29 -6.74
CA VAL A 267 20.77 16.33 -5.29
C VAL A 267 21.88 15.47 -4.74
N ARG A 268 22.54 15.97 -3.70
CA ARG A 268 23.62 15.27 -3.04
C ARG A 268 23.21 14.94 -1.61
N GLN A 269 23.97 14.02 -0.99
CA GLN A 269 23.68 13.61 0.37
C GLN A 269 23.60 14.81 1.30
N GLU A 270 24.50 15.76 1.12
CA GLU A 270 24.56 16.92 2.00
C GLU A 270 23.38 17.86 1.80
N ASP A 271 22.62 17.71 0.72
CA ASP A 271 21.40 18.48 0.51
C ASP A 271 20.23 17.94 1.32
N ILE A 272 20.34 16.75 1.89
CA ILE A 272 19.22 16.11 2.56
C ILE A 272 19.25 16.47 4.03
N ARG A 273 18.11 16.88 4.57
CA ARG A 273 18.03 17.27 5.96
C ARG A 273 17.31 16.20 6.77
N TRP A 274 17.85 15.87 7.95
CA TRP A 274 17.29 14.83 8.82
C TRP A 274 16.79 15.41 10.13
N PHE A 275 15.57 15.06 10.49
CA PHE A 275 15.01 15.37 11.79
C PHE A 275 14.85 14.05 12.56
N THR A 276 14.82 14.15 13.89
CA THR A 276 14.90 12.98 14.74
C THR A 276 13.93 13.12 15.90
N ARG A 277 13.24 12.03 16.22
CA ARG A 277 12.32 11.98 17.35
C ARG A 277 12.48 10.63 18.08
N ASP A 278 11.77 10.51 19.18
CA ASP A 278 11.76 9.28 19.96
C ASP A 278 11.02 8.16 19.22
N ASN A 279 11.26 6.94 19.69
CA ASN A 279 10.77 5.74 19.03
C ASN A 279 9.25 5.73 18.94
N CYS A 280 8.74 5.28 17.80
CA CYS A 280 7.34 4.99 17.59
C CYS A 280 7.25 4.13 16.33
N PHE A 281 6.04 3.71 15.99
CA PHE A 281 5.81 2.99 14.74
C PHE A 281 4.90 3.84 13.85
N ALA A 282 5.29 3.96 12.57
CA ALA A 282 4.42 4.53 11.56
C ALA A 282 4.76 3.87 10.23
N SER A 283 3.73 3.47 9.50
CA SER A 283 3.93 2.85 8.19
C SER A 283 3.34 3.73 7.09
N HIS A 284 2.03 3.89 7.02
CA HIS A 284 1.43 4.55 5.87
C HIS A 284 1.30 6.05 6.05
N VAL A 285 1.41 6.74 4.91
CA VAL A 285 1.37 8.19 4.81
C VAL A 285 0.03 8.61 4.21
N LEU A 286 -0.69 9.49 4.91
CA LEU A 286 -1.88 10.07 4.33
C LEU A 286 -1.49 11.01 3.20
N ASN A 287 -0.67 12.00 3.51
CA ASN A 287 -0.25 13.05 2.58
C ASN A 287 0.77 13.88 3.32
N ALA A 288 1.48 14.74 2.58
CA ALA A 288 2.39 15.71 3.15
C ALA A 288 2.25 17.01 2.36
N TRP A 289 2.63 18.14 2.98
CA TRP A 289 2.59 19.41 2.28
C TRP A 289 3.53 20.39 2.95
N GLN A 290 3.95 21.38 2.19
CA GLN A 290 4.64 22.53 2.77
C GLN A 290 3.65 23.61 3.17
N GLU A 291 4.01 24.36 4.21
CA GLU A 291 3.29 25.56 4.60
C GLU A 291 4.30 26.52 5.21
N GLY A 292 4.59 27.63 4.52
CA GLY A 292 5.65 28.51 4.97
C GLY A 292 6.94 27.72 5.01
N THR A 293 7.64 27.77 6.15
CA THR A 293 8.87 27.00 6.30
C THR A 293 8.63 25.60 6.85
N LYS A 294 7.38 25.24 7.13
CA LYS A 294 7.08 23.96 7.75
C LYS A 294 6.79 22.90 6.70
N ILE A 295 7.06 21.67 7.06
CA ILE A 295 6.59 20.50 6.34
C ILE A 295 5.65 19.74 7.28
N HIS A 296 4.46 19.44 6.79
CA HIS A 296 3.48 18.65 7.50
C HIS A 296 3.45 17.26 6.88
N PHE A 297 3.65 16.24 7.71
CA PHE A 297 3.76 14.86 7.24
C PHE A 297 2.76 14.05 8.07
N VAL A 298 1.60 13.72 7.48
CA VAL A 298 0.52 13.08 8.23
C VAL A 298 0.60 11.57 8.01
N THR A 299 0.75 10.85 9.12
CA THR A 299 0.94 9.42 9.10
C THR A 299 0.03 8.82 10.16
N CYS A 300 -0.08 7.50 10.15
CA CYS A 300 -0.83 6.77 11.17
C CYS A 300 0.18 6.20 12.15
N GLU A 301 0.29 6.84 13.30
CA GLU A 301 1.34 6.57 14.25
C GLU A 301 0.78 5.72 15.38
N ALA A 302 1.52 4.66 15.73
CA ALA A 302 1.26 3.83 16.90
C ALA A 302 2.44 3.90 17.87
N LYS A 303 2.16 3.59 19.14
CA LYS A 303 3.21 3.62 20.16
C LYS A 303 4.28 2.58 19.88
N ASN A 304 3.90 1.46 19.28
CA ASN A 304 4.78 0.31 19.11
C ASN A 304 4.41 -0.42 17.82
N ASN A 305 5.16 -1.45 17.52
CA ASN A 305 5.05 -2.27 16.31
C ASN A 305 3.61 -2.66 15.96
N MET A 306 3.27 -2.62 14.66
CA MET A 306 1.99 -3.09 14.18
C MET A 306 2.06 -4.42 13.43
N PHE A 307 3.25 -5.00 13.26
CA PHE A 307 3.43 -6.24 12.51
C PHE A 307 3.76 -7.38 13.48
N PRO A 308 2.79 -8.19 13.91
CA PRO A 308 3.11 -9.28 14.85
C PRO A 308 4.09 -10.28 14.28
N PHE A 309 4.05 -10.46 12.96
CA PHE A 309 4.88 -11.43 12.24
C PHE A 309 6.30 -10.91 12.02
N PHE A 310 6.56 -9.64 12.35
CA PHE A 310 7.91 -9.05 12.34
C PHE A 310 8.17 -8.62 13.78
N PRO A 311 8.52 -9.55 14.66
CA PRO A 311 8.36 -9.32 16.10
C PRO A 311 9.42 -8.43 16.72
N ASP A 312 9.11 -7.99 17.93
CA ASP A 312 10.04 -7.26 18.78
C ASP A 312 11.39 -7.98 18.81
N VAL A 313 12.46 -7.23 18.54
CA VAL A 313 13.79 -7.83 18.39
C VAL A 313 14.35 -8.31 19.71
N HIS A 314 13.80 -7.86 20.84
CA HIS A 314 14.28 -8.26 22.15
C HIS A 314 13.41 -9.34 22.78
N GLY A 315 12.46 -9.88 22.03
CA GLY A 315 11.67 -11.00 22.47
C GLY A 315 10.35 -10.67 23.10
N ALA A 316 9.93 -9.41 23.09
CA ALA A 316 8.68 -9.06 23.74
C ALA A 316 7.50 -9.65 22.98
N PRO A 317 6.48 -10.15 23.69
CA PRO A 317 5.25 -10.54 23.00
C PRO A 317 4.60 -9.34 22.34
N PHE A 318 3.74 -9.62 21.37
CA PHE A 318 3.04 -8.54 20.67
C PHE A 318 2.09 -7.82 21.61
N ASN A 319 2.12 -6.48 21.57
CA ASN A 319 1.30 -5.63 22.41
C ASN A 319 0.19 -5.03 21.53
N GLY A 320 -0.99 -5.65 21.57
CA GLY A 320 -2.06 -5.18 20.70
C GLY A 320 -2.50 -3.76 21.00
N MET A 321 -2.52 -3.39 22.28
CA MET A 321 -2.95 -2.06 22.67
C MET A 321 -2.02 -0.99 22.11
N GLU A 322 -0.71 -1.23 22.18
CA GLU A 322 0.25 -0.26 21.68
C GLU A 322 0.34 -0.27 20.17
N ALA A 323 -0.31 -1.22 19.50
CA ALA A 323 -0.35 -1.27 18.06
C ALA A 323 -1.44 -0.38 17.47
N MET A 324 -2.25 0.27 18.30
CA MET A 324 -3.33 1.11 17.81
C MET A 324 -2.76 2.41 17.23
N SER A 325 -3.04 2.67 15.96
CA SER A 325 -2.50 3.83 15.26
C SER A 325 -3.55 4.92 15.13
N HIS A 326 -3.07 6.17 15.09
CA HIS A 326 -3.91 7.34 15.00
C HIS A 326 -3.33 8.32 13.99
N PRO A 327 -4.17 8.97 13.18
CA PRO A 327 -3.66 10.00 12.27
C PRO A 327 -2.96 11.07 13.09
N THR A 328 -1.73 11.38 12.67
CA THR A 328 -0.82 12.23 13.44
C THR A 328 -0.03 13.06 12.45
N ASP A 329 0.09 14.37 12.73
CA ASP A 329 0.86 15.28 11.90
C ASP A 329 2.26 15.41 12.49
N TRP A 330 3.27 14.96 11.76
CA TRP A 330 4.66 15.22 12.11
C TRP A 330 5.08 16.51 11.43
N VAL A 331 5.38 17.53 12.22
CA VAL A 331 5.69 18.86 11.68
C VAL A 331 7.17 19.14 11.91
N VAL A 332 7.90 19.47 10.83
CA VAL A 332 9.29 19.88 10.95
C VAL A 332 9.44 21.25 10.28
N ASP A 333 10.43 22.00 10.73
CA ASP A 333 10.62 23.38 10.31
C ASP A 333 11.95 23.50 9.59
N MET A 334 11.90 23.74 8.27
CA MET A 334 13.14 23.83 7.51
C MET A 334 13.96 25.06 7.88
N ALA A 335 13.37 26.02 8.58
CA ALA A 335 14.10 27.18 9.03
C ALA A 335 14.63 27.02 10.46
N SER A 336 14.37 25.91 11.13
CA SER A 336 14.98 25.70 12.42
C SER A 336 16.42 25.22 12.24
N ASN A 337 17.18 25.31 13.31
CA ASN A 337 18.46 24.64 13.45
C ASN A 337 18.26 23.32 14.21
N GLY A 338 19.01 22.33 13.85
CA GLY A 338 19.00 21.11 14.63
C GLY A 338 17.98 20.11 14.15
N GLU A 339 17.82 19.06 14.94
CA GLU A 339 17.10 17.87 14.48
C GLU A 339 15.73 17.70 15.10
N ASP A 340 15.34 18.53 16.08
CA ASP A 340 14.06 18.30 16.73
C ASP A 340 12.91 18.59 15.78
N PHE A 341 11.86 17.80 15.92
CA PHE A 341 10.58 18.09 15.28
C PHE A 341 9.99 19.35 15.87
N ALA A 342 9.21 20.06 15.05
CA ALA A 342 8.49 21.23 15.52
C ALA A 342 7.20 20.85 16.25
N GLY A 343 6.57 19.75 15.84
CA GLY A 343 5.37 19.27 16.49
C GLY A 343 5.10 17.83 16.13
N ILE A 344 4.38 17.13 17.02
CA ILE A 344 3.84 15.79 16.75
C ILE A 344 2.40 15.87 17.25
N VAL A 345 1.43 15.97 16.33
CA VAL A 345 0.08 16.40 16.68
C VAL A 345 -0.90 15.29 16.34
N LYS A 346 -1.50 14.69 17.36
CA LYS A 346 -2.53 13.68 17.16
C LYS A 346 -3.79 14.37 16.62
N LEU A 347 -4.30 13.87 15.49
CA LEU A 347 -5.37 14.54 14.78
C LEU A 347 -6.75 13.93 15.01
N SER A 348 -6.82 12.74 15.59
CA SER A 348 -8.10 12.11 15.91
C SER A 348 -7.85 11.07 17.00
N ASP A 349 -8.85 10.86 17.84
CA ASP A 349 -8.83 9.74 18.77
C ASP A 349 -9.29 8.44 18.12
N THR A 350 -9.72 8.50 16.86
CA THR A 350 -10.15 7.29 16.16
C THR A 350 -8.92 6.49 15.75
N ALA A 351 -8.91 5.20 16.07
CA ALA A 351 -7.82 4.35 15.59
C ALA A 351 -8.02 4.08 14.10
N ALA A 352 -6.98 4.31 13.30
CA ALA A 352 -7.13 4.33 11.86
C ALA A 352 -5.84 3.91 11.14
N GLU A 353 -6.00 3.29 9.98
CA GLU A 353 -4.89 2.93 9.09
C GLU A 353 -5.40 2.97 7.66
N PHE A 354 -4.59 2.50 6.72
CA PHE A 354 -4.87 2.58 5.30
C PHE A 354 -5.40 3.96 4.91
N PRO A 355 -4.63 5.01 5.20
CA PRO A 355 -5.07 6.39 4.91
C PRO A 355 -5.11 6.69 3.42
N ARG A 356 -6.15 7.40 2.98
CA ARG A 356 -6.26 7.85 1.59
C ARG A 356 -6.72 9.31 1.53
N ILE A 357 -6.31 9.96 0.46
CA ILE A 357 -6.77 11.30 0.08
C ILE A 357 -7.36 11.24 -1.32
N ASP A 358 -7.91 12.37 -1.74
CA ASP A 358 -8.17 12.67 -3.15
C ASP A 358 -6.80 12.90 -3.78
N ASP A 359 -6.31 11.90 -4.53
CA ASP A 359 -4.93 11.91 -5.00
C ASP A 359 -4.64 13.03 -5.99
N ARG A 360 -5.66 13.68 -6.53
CA ARG A 360 -5.41 14.86 -7.34
C ARG A 360 -4.73 15.97 -6.55
N PHE A 361 -4.74 15.89 -5.23
CA PHE A 361 -4.16 16.90 -4.37
C PHE A 361 -2.91 16.42 -3.63
N THR A 362 -2.30 15.33 -4.11
CA THR A 362 -1.06 14.83 -3.54
C THR A 362 -0.03 15.96 -3.40
N GLY A 363 0.54 16.08 -2.21
CA GLY A 363 1.58 17.08 -1.94
C GLY A 363 1.08 18.48 -1.67
N GLN A 364 -0.23 18.70 -1.70
CA GLN A 364 -0.86 19.95 -1.31
C GLN A 364 -1.64 19.71 -0.03
N LYS A 365 -1.93 20.77 0.71
CA LYS A 365 -2.74 20.61 1.91
C LYS A 365 -4.13 20.11 1.57
N THR A 366 -4.49 18.97 2.15
CA THR A 366 -5.75 18.31 1.90
C THR A 366 -6.74 18.55 3.05
N ARG A 367 -7.97 18.92 2.69
CA ARG A 367 -9.03 19.06 3.68
C ARG A 367 -9.52 17.70 4.16
N HIS A 368 -9.47 16.68 3.32
CA HIS A 368 -10.16 15.43 3.60
C HIS A 368 -9.20 14.26 3.67
N GLY A 369 -9.57 13.31 4.53
CA GLY A 369 -8.95 12.00 4.52
C GLY A 369 -9.94 10.91 4.82
N TRP A 370 -9.66 9.72 4.28
CA TRP A 370 -10.46 8.53 4.49
C TRP A 370 -9.52 7.43 4.99
N PHE A 371 -10.07 6.55 5.83
CA PHE A 371 -9.26 5.55 6.52
C PHE A 371 -10.10 4.30 6.78
N LEU A 372 -9.41 3.20 7.05
CA LEU A 372 -10.00 2.07 7.74
C LEU A 372 -9.85 2.31 9.24
N GLU A 373 -10.92 2.09 9.96
CA GLU A 373 -10.95 2.34 11.39
C GLU A 373 -11.13 1.04 12.16
N MET A 374 -10.46 0.96 13.29
CA MET A 374 -10.57 -0.14 14.24
C MET A 374 -11.36 0.37 15.44
N ASP A 375 -12.67 0.11 15.47
CA ASP A 375 -13.52 0.54 16.58
C ASP A 375 -13.73 -0.66 17.50
N MET A 376 -12.93 -0.74 18.57
CA MET A 376 -12.99 -1.87 19.49
CA MET A 376 -12.99 -1.86 19.49
C MET A 376 -14.25 -1.86 20.34
N LYS A 377 -15.07 -0.84 20.25
CA LYS A 377 -16.31 -0.79 21.02
C LYS A 377 -17.47 -1.48 20.29
N ARG A 378 -17.30 -1.81 19.01
CA ARG A 378 -18.38 -2.44 18.26
C ARG A 378 -18.55 -3.91 18.63
N PRO A 379 -19.77 -4.43 18.54
CA PRO A 379 -19.95 -5.88 18.63
C PRO A 379 -19.16 -6.58 17.54
N VAL A 380 -18.67 -7.76 17.88
CA VAL A 380 -18.00 -8.64 16.94
C VAL A 380 -18.52 -10.04 17.19
N GLU A 381 -19.05 -10.69 16.16
CA GLU A 381 -19.66 -12.01 16.30
C GLU A 381 -18.97 -13.05 15.44
N LEU A 382 -17.66 -12.93 15.24
CA LEU A 382 -16.89 -13.94 14.51
C LEU A 382 -15.84 -14.57 15.42
N LEU A 390 -6.87 -4.18 15.55
CA LEU A 390 -6.65 -5.37 14.72
C LEU A 390 -7.81 -5.49 13.73
N LEU A 391 -9.04 -5.45 14.22
CA LEU A 391 -10.20 -5.61 13.36
C LEU A 391 -10.50 -4.28 12.68
N MET A 392 -10.60 -4.30 11.36
CA MET A 392 -10.88 -3.10 10.58
C MET A 392 -12.36 -3.16 10.23
N ASN A 393 -13.20 -2.56 11.07
CA ASN A 393 -14.66 -2.73 10.97
C ASN A 393 -15.40 -1.46 10.59
N CYS A 394 -14.70 -0.34 10.37
CA CYS A 394 -15.36 0.90 9.97
C CYS A 394 -14.60 1.59 8.85
N LEU A 395 -15.35 2.25 7.98
CA LEU A 395 -14.85 3.30 7.12
C LEU A 395 -14.94 4.61 7.90
N PHE A 396 -13.88 5.41 7.83
CA PHE A 396 -13.73 6.62 8.64
C PHE A 396 -13.35 7.77 7.73
N HIS A 397 -14.08 8.87 7.82
CA HIS A 397 -13.80 10.09 7.06
C HIS A 397 -13.58 11.23 8.04
N LYS A 398 -12.47 11.93 7.87
CA LYS A 398 -12.18 13.13 8.65
C LYS A 398 -12.17 14.34 7.74
N ASP A 399 -12.94 15.35 8.13
CA ASP A 399 -12.89 16.68 7.55
C ASP A 399 -11.96 17.47 8.46
N PHE A 400 -10.72 17.68 8.02
CA PHE A 400 -9.75 18.36 8.88
C PHE A 400 -10.01 19.85 9.02
N GLU A 401 -10.83 20.44 8.16
CA GLU A 401 -11.15 21.85 8.33
C GLU A 401 -12.19 22.06 9.43
N THR A 402 -13.30 21.33 9.37
CA THR A 402 -14.33 21.43 10.38
C THR A 402 -14.06 20.57 11.61
N GLY A 403 -13.18 19.58 11.49
CA GLY A 403 -13.00 18.56 12.51
C GLY A 403 -14.01 17.45 12.50
N ARG A 404 -15.05 17.55 11.68
CA ARG A 404 -16.12 16.56 11.73
C ARG A 404 -15.62 15.18 11.30
N GLU A 405 -16.03 14.16 12.06
CA GLU A 405 -15.70 12.77 11.77
C GLU A 405 -16.97 12.01 11.42
N GLN A 406 -16.89 11.17 10.40
CA GLN A 406 -17.97 10.28 10.01
C GLN A 406 -17.44 8.86 10.05
N HIS A 407 -18.31 7.95 10.49
CA HIS A 407 -17.99 6.53 10.61
C HIS A 407 -19.10 5.72 9.97
N TRP A 408 -18.74 4.68 9.23
CA TRP A 408 -19.72 3.69 8.82
C TRP A 408 -19.22 2.32 9.22
N TRP A 409 -20.03 1.59 9.96
CA TRP A 409 -19.69 0.28 10.50
C TRP A 409 -20.24 -0.81 9.59
N CYS A 410 -19.39 -1.78 9.26
CA CYS A 410 -19.81 -2.87 8.37
C CYS A 410 -20.54 -3.99 9.10
N GLY A 411 -20.78 -3.85 10.40
CA GLY A 411 -21.55 -4.82 11.15
C GLY A 411 -20.67 -5.88 11.77
N PRO A 412 -21.29 -6.78 12.53
CA PRO A 412 -20.53 -7.66 13.44
C PRO A 412 -19.95 -8.90 12.80
N VAL A 413 -20.21 -9.16 11.51
CA VAL A 413 -19.76 -10.39 10.88
C VAL A 413 -19.00 -10.06 9.59
N SER A 414 -18.41 -8.86 9.55
CA SER A 414 -17.71 -8.37 8.38
C SER A 414 -16.45 -7.58 8.77
N SER A 415 -15.61 -7.30 7.77
CA SER A 415 -14.47 -6.41 7.90
C SER A 415 -14.27 -5.74 6.55
N LEU A 416 -13.37 -4.78 6.50
CA LEU A 416 -13.23 -3.87 5.37
C LEU A 416 -11.80 -3.83 4.86
N GLN A 417 -11.67 -3.58 3.57
CA GLN A 417 -10.37 -3.42 2.91
C GLN A 417 -10.15 -1.95 2.56
N GLU A 418 -8.99 -1.65 1.99
CA GLU A 418 -8.58 -0.26 1.81
C GLU A 418 -9.58 0.53 0.95
N PRO A 419 -9.99 1.72 1.36
CA PRO A 419 -10.87 2.52 0.50
C PRO A 419 -10.08 3.19 -0.61
N CYS A 420 -10.81 3.65 -1.62
CA CYS A 420 -10.21 4.39 -2.71
C CYS A 420 -11.17 5.50 -3.12
N PHE A 421 -10.63 6.72 -3.26
CA PHE A 421 -11.44 7.86 -3.68
C PHE A 421 -11.45 7.98 -5.20
N VAL A 422 -12.63 8.24 -5.73
CA VAL A 422 -12.86 8.43 -7.16
C VAL A 422 -13.50 9.79 -7.37
N PRO A 423 -12.89 10.69 -8.13
CA PRO A 423 -13.48 12.02 -8.34
C PRO A 423 -14.74 11.98 -9.19
N ARG A 424 -15.68 12.87 -8.89
CA ARG A 424 -16.90 12.99 -9.69
CA ARG A 424 -16.90 13.00 -9.69
C ARG A 424 -16.56 13.42 -11.11
N ALA A 425 -15.58 14.30 -11.26
CA ALA A 425 -15.21 14.87 -12.55
C ALA A 425 -13.83 15.46 -12.39
N LYS A 426 -13.16 15.67 -13.52
CA LYS A 426 -11.78 16.14 -13.46
C LYS A 426 -11.67 17.50 -12.78
N ASP A 427 -12.71 18.33 -12.89
CA ASP A 427 -12.73 19.68 -12.34
C ASP A 427 -13.47 19.76 -11.00
N ALA A 428 -13.82 18.63 -10.41
CA ALA A 428 -14.61 18.66 -9.18
C ALA A 428 -13.75 19.12 -7.99
N PRO A 429 -14.35 19.76 -7.00
CA PRO A 429 -13.62 20.10 -5.79
C PRO A 429 -13.04 18.88 -5.10
N GLU A 430 -12.09 19.14 -4.21
CA GLU A 430 -11.50 18.05 -3.43
C GLU A 430 -12.58 17.26 -2.71
N GLY A 431 -12.54 15.95 -2.85
CA GLY A 431 -13.46 15.10 -2.11
C GLY A 431 -14.84 14.96 -2.71
N ASP A 432 -15.12 15.65 -3.82
CA ASP A 432 -16.41 15.55 -4.48
C ASP A 432 -16.37 14.32 -5.37
N GLY A 433 -16.95 13.24 -4.89
CA GLY A 433 -16.93 11.98 -5.63
C GLY A 433 -17.34 10.84 -4.72
N TRP A 434 -16.72 9.69 -4.98
CA TRP A 434 -17.13 8.43 -4.36
C TRP A 434 -15.96 7.75 -3.65
N ILE A 435 -16.31 6.91 -2.69
CA ILE A 435 -15.39 5.93 -2.12
C ILE A 435 -15.82 4.54 -2.57
N VAL A 436 -14.88 3.77 -3.10
CA VAL A 436 -15.08 2.35 -3.38
C VAL A 436 -14.19 1.52 -2.44
N GLN A 437 -14.69 0.37 -1.99
CA GLN A 437 -13.87 -0.52 -1.18
C GLN A 437 -14.50 -1.92 -1.14
N VAL A 438 -13.62 -2.90 -1.01
CA VAL A 438 -14.04 -4.27 -0.80
C VAL A 438 -14.44 -4.45 0.67
N CYS A 439 -15.54 -5.17 0.88
CA CYS A 439 -16.00 -5.59 2.19
C CYS A 439 -15.98 -7.12 2.25
N ASN A 440 -15.30 -7.64 3.27
CA ASN A 440 -15.22 -9.06 3.56
C ASN A 440 -16.47 -9.46 4.33
N ARG A 441 -17.35 -10.25 3.72
CA ARG A 441 -18.51 -10.79 4.43
C ARG A 441 -18.06 -12.12 5.03
N LEU A 442 -17.53 -12.04 6.25
CA LEU A 442 -16.76 -13.14 6.82
C LEU A 442 -17.63 -14.34 7.13
N GLU A 443 -18.85 -14.10 7.62
CA GLU A 443 -19.73 -15.21 7.96
C GLU A 443 -20.31 -15.85 6.71
N GLU A 444 -20.60 -15.05 5.69
CA GLU A 444 -21.15 -15.55 4.45
C GLU A 444 -20.08 -16.01 3.47
N GLN A 445 -18.81 -15.88 3.83
CA GLN A 445 -17.73 -16.45 3.03
C GLN A 445 -17.70 -15.86 1.63
N ARG A 446 -18.01 -14.56 1.54
CA ARG A 446 -18.09 -13.91 0.23
C ARG A 446 -17.63 -12.46 0.43
N SER A 447 -17.69 -11.68 -0.66
CA SER A 447 -17.23 -10.31 -0.65
C SER A 447 -18.23 -9.39 -1.36
N ASP A 448 -18.23 -8.12 -0.95
CA ASP A 448 -18.97 -7.05 -1.59
C ASP A 448 -18.00 -5.98 -2.07
N LEU A 449 -18.38 -5.27 -3.13
CA LEU A 449 -17.79 -3.98 -3.44
C LEU A 449 -18.79 -2.92 -3.03
N LEU A 450 -18.36 -2.04 -2.13
CA LEU A 450 -19.20 -0.96 -1.63
C LEU A 450 -18.85 0.33 -2.35
N ILE A 451 -19.87 1.11 -2.69
CA ILE A 451 -19.71 2.45 -3.28
C ILE A 451 -20.42 3.43 -2.36
N PHE A 452 -19.69 4.45 -1.89
CA PHE A 452 -20.19 5.50 -1.00
C PHE A 452 -20.11 6.86 -1.68
N ASP A 453 -21.02 7.77 -1.29
CA ASP A 453 -20.78 9.20 -1.47
C ASP A 453 -19.69 9.64 -0.49
N ALA A 454 -18.56 10.13 -1.02
CA ALA A 454 -17.33 10.28 -0.21
C ALA A 454 -17.49 11.31 0.92
N LEU A 455 -18.35 12.30 0.77
CA LEU A 455 -18.54 13.29 1.84
C LEU A 455 -19.77 13.02 2.69
N ASP A 456 -20.38 11.84 2.53
CA ASP A 456 -21.50 11.42 3.35
C ASP A 456 -21.43 9.90 3.48
N ILE A 457 -20.33 9.40 4.05
CA ILE A 457 -20.24 7.96 4.19
C ILE A 457 -21.17 7.44 5.28
N GLU A 458 -21.57 8.29 6.24
CA GLU A 458 -22.27 7.77 7.40
C GLU A 458 -23.67 7.27 7.06
N LYS A 459 -24.27 7.73 5.95
CA LYS A 459 -25.55 7.18 5.53
C LYS A 459 -25.44 5.77 4.96
N GLY A 460 -24.23 5.27 4.72
CA GLY A 460 -24.03 3.94 4.19
C GLY A 460 -23.81 3.95 2.70
N PRO A 461 -23.44 2.81 2.14
CA PRO A 461 -23.14 2.76 0.72
C PRO A 461 -24.38 3.01 -0.12
N VAL A 462 -24.18 3.74 -1.22
CA VAL A 462 -25.28 3.95 -2.16
C VAL A 462 -25.49 2.73 -3.05
N ALA A 463 -24.49 1.86 -3.16
CA ALA A 463 -24.62 0.59 -3.86
C ALA A 463 -23.77 -0.45 -3.14
N THR A 464 -24.31 -1.67 -3.06
CA THR A 464 -23.59 -2.83 -2.55
C THR A 464 -23.57 -3.85 -3.67
N VAL A 465 -22.38 -4.15 -4.17
CA VAL A 465 -22.23 -4.98 -5.34
C VAL A 465 -21.71 -6.34 -4.88
N ASN A 466 -22.51 -7.39 -5.10
CA ASN A 466 -22.17 -8.72 -4.61
C ASN A 466 -21.13 -9.37 -5.51
N ILE A 467 -20.04 -9.84 -4.89
CA ILE A 467 -18.99 -10.57 -5.58
C ILE A 467 -19.17 -12.06 -5.22
N PRO A 468 -19.46 -12.95 -6.18
CA PRO A 468 -19.76 -14.34 -5.82
C PRO A 468 -18.53 -15.19 -5.63
N ILE A 469 -17.41 -14.54 -5.44
CA ILE A 469 -16.11 -15.13 -5.16
C ILE A 469 -15.64 -14.52 -3.85
N ARG A 470 -15.13 -15.35 -2.94
CA ARG A 470 -14.52 -14.84 -1.71
C ARG A 470 -13.16 -14.24 -2.06
N LEU A 471 -13.00 -12.93 -1.91
CA LEU A 471 -11.69 -12.32 -2.08
C LEU A 471 -10.85 -12.49 -0.80
N ARG A 472 -9.53 -12.56 -0.99
CA ARG A 472 -8.60 -12.66 0.12
C ARG A 472 -8.22 -11.25 0.59
N PHE A 473 -7.52 -11.22 1.72
CA PHE A 473 -6.94 -9.99 2.26
C PHE A 473 -6.24 -9.21 1.16
N GLY A 474 -6.55 -7.93 1.07
CA GLY A 474 -5.96 -7.11 0.04
C GLY A 474 -4.94 -6.12 0.59
N LEU A 475 -4.08 -5.58 -0.28
CA LEU A 475 -3.26 -4.45 0.12
C LEU A 475 -3.80 -3.20 -0.58
N HIS A 476 -3.07 -2.60 -1.52
CA HIS A 476 -3.43 -1.29 -2.03
C HIS A 476 -4.09 -1.35 -3.41
N GLY A 477 -4.96 -0.38 -3.66
CA GLY A 477 -5.73 -0.35 -4.88
C GLY A 477 -5.96 1.07 -5.30
N ASN A 478 -6.40 1.22 -6.55
CA ASN A 478 -6.44 2.52 -7.21
C ASN A 478 -7.48 2.53 -8.31
N TRP A 479 -8.03 3.72 -8.55
CA TRP A 479 -8.96 3.96 -9.64
C TRP A 479 -8.28 4.61 -10.82
N ALA A 480 -8.70 4.23 -12.02
CA ALA A 480 -8.36 4.98 -13.21
C ALA A 480 -9.59 5.16 -14.11
N ASN A 481 -9.69 6.32 -14.74
CA ASN A 481 -10.75 6.55 -15.72
C ASN A 481 -10.56 5.67 -16.95
N ALA A 482 -11.69 5.37 -17.61
CA ALA A 482 -11.66 4.44 -18.76
C ALA A 482 -10.68 4.89 -19.83
N ASP A 483 -10.57 6.19 -20.06
CA ASP A 483 -9.68 6.63 -21.12
C ASP A 483 -8.22 6.59 -20.71
N GLU A 484 -7.91 6.20 -19.48
CA GLU A 484 -6.53 5.97 -19.06
C GLU A 484 -6.12 4.50 -19.10
N ILE A 485 -7.04 3.59 -19.42
CA ILE A 485 -6.78 2.16 -19.28
C ILE A 485 -7.25 1.39 -20.50
N GLY A 486 -7.53 2.10 -21.59
CA GLY A 486 -7.92 1.44 -22.82
C GLY A 486 -9.33 0.87 -22.82
N LEU A 487 -10.21 1.37 -21.96
CA LEU A 487 -11.58 0.88 -21.88
C LEU A 487 -12.64 1.91 -22.26
N ALA A 488 -12.26 3.06 -22.82
CA ALA A 488 -13.28 4.12 -23.03
C ALA A 488 -14.32 3.74 -24.07
#